data_3PGK
#
_entry.id   3PGK
#
_cell.length_a   126.600
_cell.length_b   54.400
_cell.length_c   93.000
_cell.angle_alpha   90.00
_cell.angle_beta   134.40
_cell.angle_gamma   90.00
#
_symmetry.space_group_name_H-M   'C 1 2 1'
#
loop_
_entity.id
_entity.type
_entity.pdbx_description
1 polymer 'PHOSPHOGLYCERATE KINASE'
2 non-polymer 'MAGNESIUM ION'
3 non-polymer "ADENOSINE-5'-TRIPHOSPHATE"
4 non-polymer '3-PHOSPHOGLYCERIC ACID'
#
_entity_poly.entity_id   1
_entity_poly.type   'polypeptide(L)'
_entity_poly.pdbx_seq_one_letter_code
;(ACE)SLSSKLSVQDLDLKDKRVFIRVDFNVPLDGKKITSNQRIVAALPTIKYVLEHHPRYVVLASHLGRPNGERNEKYS
LAPVAKELQSLLGKDVTFLNDCVGPEVEAAVKASAPGSVILLENLRYHIEEEGSRKVDGQKVKASKEDVQKFRHELSSLA
DVYINDAFGTAHRAHSSMVGFDLPQRAAGFLLEKELKYFGKALENPTRPFLAILGGAKVADKIQLIDNLLDKVDSIIIGG
GMAFTFKKVLENTEIGDSIFDKAVGPEIAKLMEKAKAKGVEVVLPVDFIIADAFSASANTKTVTDKEGIPAGWQGLDNGP
ESRKLFAATVAKATVILWNGPPGVFEFEKFAAGTKALLDEVVKSSAAGNTVIIGGGDTATVAKKYGVTDKISHVSTGGGA
SLELLEGKELPGVAFLSEKK
;
_entity_poly.pdbx_strand_id   A
#
loop_
_chem_comp.id
_chem_comp.type
_chem_comp.name
_chem_comp.formula
3PG non-polymer '3-PHOSPHOGLYCERIC ACID' 'C3 H7 O7 P'
ACE non-polymer 'ACETYL GROUP' 'C2 H4 O'
ATP non-polymer ADENOSINE-5'-TRIPHOSPHATE 'C10 H16 N5 O13 P3'
MG non-polymer 'MAGNESIUM ION' 'Mg 2'
#
# COMPACT_ATOMS: atom_id res chain seq x y z
C ACE A 1 12.90 -6.93 -1.24
O ACE A 1 12.77 -7.35 -0.08
CH3 ACE A 1 13.56 -5.59 -1.51
N SER A 2 12.52 -7.48 -2.38
CA SER A 2 11.84 -8.78 -2.47
C SER A 2 11.95 -9.34 -3.90
N LEU A 3 12.35 -8.48 -4.83
CA LEU A 3 12.53 -8.91 -6.23
C LEU A 3 12.04 -7.87 -7.22
N SER A 4 10.94 -8.25 -7.83
CA SER A 4 10.24 -7.46 -8.83
C SER A 4 11.23 -6.64 -9.66
N SER A 5 12.15 -7.35 -10.29
CA SER A 5 13.15 -6.71 -11.16
C SER A 5 12.42 -5.97 -12.27
N LYS A 6 12.28 -6.68 -13.36
CA LYS A 6 11.61 -6.16 -14.54
C LYS A 6 10.62 -7.17 -15.06
N LEU A 7 9.54 -7.28 -14.33
CA LEU A 7 8.48 -8.18 -14.73
C LEU A 7 8.07 -7.81 -16.15
N SER A 8 6.92 -7.20 -16.33
CA SER A 8 6.51 -6.84 -17.70
C SER A 8 5.36 -5.86 -17.72
N VAL A 9 5.45 -5.01 -18.72
CA VAL A 9 4.50 -3.93 -18.92
C VAL A 9 4.60 -3.37 -20.32
N GLN A 10 3.45 -2.99 -20.83
CA GLN A 10 3.37 -2.38 -22.14
C GLN A 10 4.25 -3.20 -23.08
N ASP A 11 4.42 -4.44 -22.66
CA ASP A 11 5.25 -5.44 -23.35
C ASP A 11 4.36 -6.43 -24.11
N LEU A 12 3.24 -6.76 -23.49
CA LEU A 12 2.25 -7.65 -24.11
C LEU A 12 1.77 -7.01 -25.41
N ASP A 13 1.88 -7.80 -26.47
CA ASP A 13 1.54 -7.35 -27.83
C ASP A 13 0.05 -7.55 -28.13
N LEU A 14 -0.56 -8.44 -27.38
CA LEU A 14 -1.97 -8.78 -27.57
C LEU A 14 -2.20 -9.21 -29.02
N LYS A 15 -3.22 -8.64 -29.62
CA LYS A 15 -3.59 -8.95 -31.02
C LYS A 15 -4.44 -10.21 -31.07
N ASP A 16 -5.74 -9.99 -31.11
CA ASP A 16 -6.73 -11.08 -31.17
C ASP A 16 -6.41 -12.12 -30.12
N LYS A 17 -5.96 -11.61 -29.01
CA LYS A 17 -5.62 -12.43 -27.85
C LYS A 17 -6.67 -12.18 -26.78
N ARG A 18 -6.56 -12.98 -25.75
CA ARG A 18 -7.52 -13.00 -24.64
C ARG A 18 -6.83 -12.55 -23.36
N VAL A 19 -7.38 -11.45 -22.90
CA VAL A 19 -6.91 -10.67 -21.74
C VAL A 19 -7.92 -10.56 -20.58
N PHE A 20 -7.42 -11.05 -19.46
CA PHE A 20 -8.08 -11.01 -18.13
C PHE A 20 -7.21 -10.17 -17.18
N ILE A 21 -7.82 -9.10 -16.66
CA ILE A 21 -7.17 -8.10 -15.80
C ILE A 21 -7.75 -8.02 -14.37
N ARG A 22 -6.87 -8.28 -13.40
CA ARG A 22 -7.18 -8.14 -11.95
C ARG A 22 -6.79 -6.71 -11.48
N VAL A 23 -7.78 -5.81 -11.63
CA VAL A 23 -7.66 -4.34 -11.36
C VAL A 23 -8.09 -3.97 -9.93
N ASP A 24 -8.22 -2.66 -9.78
CA ASP A 24 -8.63 -2.00 -8.53
C ASP A 24 -10.08 -1.57 -8.65
N PHE A 25 -10.96 -2.50 -8.35
CA PHE A 25 -12.40 -2.27 -8.42
C PHE A 25 -13.07 -2.46 -7.05
N ASN A 26 -12.89 -1.43 -6.25
CA ASN A 26 -13.46 -1.32 -4.90
C ASN A 26 -13.88 0.14 -4.67
N VAL A 27 -15.12 0.31 -4.24
CA VAL A 27 -15.67 1.65 -4.02
C VAL A 27 -16.71 1.68 -2.90
N PRO A 28 -17.22 2.88 -2.55
CA PRO A 28 -18.24 3.00 -1.53
C PRO A 28 -19.40 2.14 -1.93
N LEU A 29 -20.52 2.23 -1.20
CA LEU A 29 -21.64 1.31 -1.45
C LEU A 29 -23.04 1.94 -1.51
N ASP A 30 -23.14 3.21 -1.81
CA ASP A 30 -24.47 3.84 -1.91
C ASP A 30 -25.16 3.37 -3.20
N GLY A 31 -26.49 3.38 -3.16
CA GLY A 31 -27.32 2.95 -4.29
C GLY A 31 -26.42 2.28 -5.33
N LYS A 32 -25.81 3.13 -6.11
CA LYS A 32 -24.84 2.76 -7.15
C LYS A 32 -23.79 3.86 -7.17
N LYS A 33 -24.30 5.05 -6.92
CA LYS A 33 -23.51 6.27 -6.84
C LYS A 33 -22.20 5.94 -6.17
N ILE A 34 -21.27 5.63 -7.00
CA ILE A 34 -19.93 5.24 -6.59
C ILE A 34 -19.15 6.45 -6.10
N THR A 35 -19.12 6.57 -4.79
CA THR A 35 -18.41 7.65 -4.09
C THR A 35 -16.90 7.43 -4.20
N SER A 36 -16.29 8.01 -5.26
CA SER A 36 -14.84 7.95 -5.48
C SER A 36 -14.53 7.13 -6.74
N ASN A 37 -13.84 7.78 -7.68
CA ASN A 37 -13.45 7.16 -8.96
C ASN A 37 -11.93 7.05 -9.05
N GLN A 38 -11.29 7.31 -7.93
CA GLN A 38 -9.83 7.30 -7.84
C GLN A 38 -9.24 5.95 -8.27
N ARG A 39 -9.80 4.91 -7.69
CA ARG A 39 -9.38 3.51 -7.95
C ARG A 39 -9.57 3.12 -9.44
N ILE A 40 -10.75 3.43 -9.97
CA ILE A 40 -11.14 3.15 -11.38
C ILE A 40 -10.21 3.81 -12.41
N VAL A 41 -9.86 5.05 -12.13
CA VAL A 41 -9.09 5.91 -13.05
C VAL A 41 -7.81 5.23 -13.57
N ALA A 42 -7.08 4.63 -12.65
CA ALA A 42 -5.81 3.91 -12.94
C ALA A 42 -6.01 2.81 -13.99
N ALA A 43 -7.10 2.09 -13.81
CA ALA A 43 -7.47 0.94 -14.65
C ALA A 43 -7.38 1.36 -16.11
N LEU A 44 -7.83 2.57 -16.33
CA LEU A 44 -7.84 3.23 -17.64
C LEU A 44 -6.54 3.03 -18.46
N PRO A 45 -5.30 3.23 -17.97
CA PRO A 45 -4.16 3.11 -18.86
C PRO A 45 -4.11 1.74 -19.50
N THR A 46 -4.10 0.71 -18.67
CA THR A 46 -4.13 -0.69 -19.15
C THR A 46 -5.47 -1.01 -19.83
N ILE A 47 -6.52 -0.62 -19.13
CA ILE A 47 -7.89 -0.95 -19.54
C ILE A 47 -8.19 -0.47 -20.96
N LYS A 48 -7.94 0.81 -21.17
CA LYS A 48 -8.13 1.44 -22.49
C LYS A 48 -7.20 0.86 -23.55
N TYR A 49 -5.91 0.78 -23.21
CA TYR A 49 -4.88 0.34 -24.17
C TYR A 49 -5.28 -1.02 -24.74
N VAL A 50 -5.51 -1.91 -23.81
CA VAL A 50 -5.99 -3.28 -24.05
C VAL A 50 -7.41 -3.30 -24.60
N LEU A 51 -8.24 -2.49 -23.98
CA LEU A 51 -9.67 -2.45 -24.24
C LEU A 51 -9.89 -2.37 -25.74
N GLU A 52 -9.09 -1.55 -26.37
CA GLU A 52 -9.19 -1.33 -27.80
C GLU A 52 -8.10 -2.06 -28.63
N HIS A 53 -6.88 -2.19 -28.11
CA HIS A 53 -5.81 -2.85 -28.90
C HIS A 53 -6.47 -3.75 -29.97
N HIS A 54 -7.48 -4.53 -29.54
CA HIS A 54 -8.27 -5.41 -30.45
C HIS A 54 -8.05 -6.92 -30.14
N PRO A 55 -7.98 -7.32 -28.86
CA PRO A 55 -7.77 -8.73 -28.46
C PRO A 55 -8.91 -9.63 -28.95
N ARG A 56 -10.02 -9.43 -28.25
CA ARG A 56 -11.34 -10.09 -28.46
C ARG A 56 -11.99 -10.26 -27.10
N TYR A 57 -11.11 -10.41 -26.14
CA TYR A 57 -11.49 -10.53 -24.75
C TYR A 57 -11.53 -9.17 -24.11
N VAL A 58 -11.22 -9.24 -22.85
CA VAL A 58 -11.16 -8.11 -21.96
C VAL A 58 -12.10 -8.34 -20.81
N VAL A 59 -11.59 -9.07 -19.87
CA VAL A 59 -12.31 -9.38 -18.66
C VAL A 59 -11.55 -8.77 -17.52
N LEU A 60 -12.21 -7.81 -16.92
CA LEU A 60 -11.67 -7.04 -15.82
C LEU A 60 -12.47 -7.40 -14.58
N ALA A 61 -11.75 -8.04 -13.68
CA ALA A 61 -12.29 -8.58 -12.42
C ALA A 61 -12.63 -7.48 -11.39
N SER A 62 -13.42 -7.93 -10.43
CA SER A 62 -13.93 -7.09 -9.32
C SER A 62 -13.04 -7.22 -8.08
N HIS A 63 -13.64 -6.83 -6.96
CA HIS A 63 -12.99 -6.90 -5.64
C HIS A 63 -13.29 -5.66 -4.78
N LEU A 64 -14.36 -5.75 -4.02
CA LEU A 64 -14.76 -4.67 -3.10
C LEU A 64 -16.01 -5.06 -2.30
N GLY A 65 -15.72 -5.40 -1.05
CA GLY A 65 -16.76 -5.81 -0.09
C GLY A 65 -16.28 -7.01 0.74
N ARG A 66 -17.13 -7.35 1.69
CA ARG A 66 -16.94 -8.46 2.61
C ARG A 66 -18.25 -9.24 2.72
N PRO A 67 -18.73 -9.92 1.66
CA PRO A 67 -19.98 -10.64 1.74
C PRO A 67 -19.91 -11.60 2.89
N ASN A 68 -20.20 -11.03 4.06
CA ASN A 68 -20.15 -11.71 5.38
C ASN A 68 -21.27 -12.74 5.52
N GLY A 69 -22.25 -12.38 6.34
CA GLY A 69 -23.38 -13.28 6.66
C GLY A 69 -24.58 -13.10 5.70
N GLU A 70 -24.84 -14.18 4.93
CA GLU A 70 -26.03 -14.28 4.02
C GLU A 70 -25.75 -15.10 2.70
N ARG A 71 -24.62 -14.89 2.04
CA ARG A 71 -24.29 -15.66 0.80
C ARG A 71 -23.51 -14.78 -0.18
N ASN A 72 -23.91 -14.84 -1.43
CA ASN A 72 -23.27 -14.07 -2.50
C ASN A 72 -23.88 -12.66 -2.59
N GLU A 73 -24.91 -12.47 -1.76
CA GLU A 73 -25.65 -11.18 -1.67
C GLU A 73 -25.34 -10.28 -2.85
N LYS A 74 -26.41 -9.70 -3.42
CA LYS A 74 -26.27 -8.79 -4.56
C LYS A 74 -25.30 -7.66 -4.15
N TYR A 75 -25.68 -6.40 -4.32
CA TYR A 75 -24.76 -5.29 -3.99
C TYR A 75 -23.49 -5.53 -4.82
N SER A 76 -23.77 -5.90 -6.08
CA SER A 76 -22.78 -6.26 -7.12
C SER A 76 -21.99 -5.03 -7.60
N LEU A 77 -22.01 -4.83 -8.92
CA LEU A 77 -21.26 -3.72 -9.55
C LEU A 77 -21.95 -3.17 -10.80
N ALA A 78 -23.26 -3.19 -10.80
CA ALA A 78 -24.02 -2.67 -11.95
C ALA A 78 -23.65 -1.21 -12.22
N PRO A 79 -23.65 -0.36 -11.18
CA PRO A 79 -23.32 1.06 -11.31
C PRO A 79 -21.93 1.26 -11.89
N VAL A 80 -20.96 0.48 -11.42
CA VAL A 80 -19.56 0.57 -11.88
C VAL A 80 -19.49 0.45 -13.40
N ALA A 81 -20.22 -0.54 -13.90
CA ALA A 81 -20.27 -0.82 -15.33
C ALA A 81 -20.61 0.50 -16.00
N LYS A 82 -21.52 1.17 -15.34
CA LYS A 82 -21.98 2.51 -15.75
C LYS A 82 -20.78 3.44 -15.86
N GLU A 83 -19.96 3.41 -14.82
CA GLU A 83 -18.74 4.22 -14.75
C GLU A 83 -17.84 3.89 -15.93
N LEU A 84 -17.69 2.59 -16.11
CA LEU A 84 -16.87 2.02 -17.19
C LEU A 84 -17.40 2.42 -18.57
N GLN A 85 -18.69 2.22 -18.74
CA GLN A 85 -19.37 2.51 -20.01
C GLN A 85 -19.17 3.97 -20.36
N SER A 86 -19.39 4.80 -19.37
CA SER A 86 -19.28 6.25 -19.52
C SER A 86 -17.90 6.64 -20.02
N LEU A 87 -16.89 6.16 -19.33
CA LEU A 87 -15.50 6.47 -19.69
C LEU A 87 -15.14 5.94 -21.09
N LEU A 88 -15.33 4.63 -21.24
CA LEU A 88 -15.05 3.89 -22.50
C LEU A 88 -15.99 4.28 -23.66
N GLY A 89 -17.27 4.21 -23.35
CA GLY A 89 -18.35 4.46 -24.34
C GLY A 89 -18.31 3.39 -25.45
N LYS A 90 -17.85 2.20 -25.07
CA LYS A 90 -17.71 1.05 -26.01
C LYS A 90 -18.65 -0.11 -25.64
N ASP A 91 -19.03 -0.14 -24.38
CA ASP A 91 -19.93 -1.17 -23.87
C ASP A 91 -19.17 -2.21 -23.05
N VAL A 92 -19.63 -2.27 -21.81
CA VAL A 92 -19.15 -3.16 -20.73
C VAL A 92 -20.30 -4.03 -20.19
N THR A 93 -20.01 -5.30 -20.21
CA THR A 93 -20.93 -6.39 -19.80
C THR A 93 -20.42 -7.11 -18.54
N PHE A 94 -21.29 -7.15 -17.54
CA PHE A 94 -21.00 -7.79 -16.23
C PHE A 94 -21.87 -9.05 -16.07
N LEU A 95 -21.13 -10.17 -16.04
CA LEU A 95 -21.68 -11.54 -15.97
C LEU A 95 -21.33 -12.24 -14.65
N ASN A 96 -20.52 -13.30 -14.77
CA ASN A 96 -20.09 -14.09 -13.60
C ASN A 96 -18.60 -13.97 -13.33
N ASP A 97 -18.31 -14.06 -12.04
CA ASP A 97 -16.95 -13.96 -11.50
C ASP A 97 -16.21 -15.27 -11.76
N CYS A 98 -17.01 -16.27 -12.07
CA CYS A 98 -16.50 -17.62 -12.36
C CYS A 98 -17.09 -18.14 -13.67
N VAL A 99 -18.12 -18.96 -13.48
CA VAL A 99 -18.80 -19.64 -14.59
C VAL A 99 -20.23 -19.19 -14.74
N GLY A 100 -21.03 -20.20 -14.83
CA GLY A 100 -22.41 -20.08 -15.17
C GLY A 100 -22.42 -20.57 -16.60
N PRO A 101 -23.26 -21.52 -16.98
CA PRO A 101 -23.17 -22.08 -18.30
C PRO A 101 -23.16 -20.92 -19.21
N GLU A 102 -23.97 -19.99 -18.79
CA GLU A 102 -24.07 -18.69 -19.43
C GLU A 102 -22.67 -18.04 -19.53
N VAL A 103 -21.86 -18.18 -18.48
CA VAL A 103 -20.53 -17.51 -18.41
C VAL A 103 -19.55 -17.83 -19.57
N GLU A 104 -19.30 -19.10 -19.81
CA GLU A 104 -18.37 -19.50 -20.89
C GLU A 104 -18.90 -18.93 -22.19
N ALA A 105 -20.20 -19.04 -22.32
CA ALA A 105 -20.93 -18.59 -23.50
C ALA A 105 -20.74 -17.10 -23.83
N ALA A 106 -20.93 -16.25 -22.83
CA ALA A 106 -20.93 -14.79 -23.02
C ALA A 106 -19.62 -14.24 -23.59
N VAL A 107 -18.53 -14.61 -22.98
CA VAL A 107 -17.22 -14.07 -23.36
C VAL A 107 -16.99 -14.31 -24.83
N LYS A 108 -17.22 -15.54 -25.21
CA LYS A 108 -17.05 -16.00 -26.59
C LYS A 108 -17.97 -15.25 -27.57
N ALA A 109 -19.23 -15.22 -27.20
CA ALA A 109 -20.28 -14.63 -28.04
C ALA A 109 -19.83 -13.32 -28.67
N SER A 110 -20.04 -12.27 -27.90
CA SER A 110 -19.74 -10.89 -28.30
C SER A 110 -18.24 -10.63 -28.40
N ALA A 111 -17.82 -10.47 -29.63
CA ALA A 111 -16.41 -10.22 -30.00
C ALA A 111 -15.71 -9.35 -28.95
N PRO A 112 -14.94 -8.34 -29.38
CA PRO A 112 -14.19 -7.49 -28.47
C PRO A 112 -15.12 -6.79 -27.54
N GLY A 113 -14.72 -6.81 -26.29
CA GLY A 113 -15.48 -6.19 -25.22
C GLY A 113 -14.70 -6.25 -23.90
N SER A 114 -15.27 -5.55 -22.96
CA SER A 114 -14.75 -5.46 -21.59
C SER A 114 -15.83 -5.94 -20.61
N VAL A 115 -15.50 -7.01 -19.96
CA VAL A 115 -16.37 -7.69 -19.00
C VAL A 115 -15.73 -7.64 -17.61
N ILE A 116 -16.48 -7.08 -16.69
CA ILE A 116 -16.07 -6.94 -15.29
C ILE A 116 -16.93 -7.89 -14.46
N LEU A 117 -16.27 -8.88 -13.87
CA LEU A 117 -16.97 -9.94 -13.14
C LEU A 117 -16.14 -10.57 -12.02
N LEU A 118 -16.86 -10.92 -10.94
CA LEU A 118 -16.26 -11.69 -9.84
C LEU A 118 -16.31 -10.97 -8.47
N GLU A 119 -15.18 -10.43 -8.07
CA GLU A 119 -14.96 -9.81 -6.75
C GLU A 119 -14.45 -10.91 -5.81
N ASN A 120 -15.28 -11.19 -4.83
CA ASN A 120 -15.04 -12.25 -3.84
C ASN A 120 -16.40 -12.65 -3.28
N LEU A 121 -17.23 -12.93 -4.26
CA LEU A 121 -18.60 -13.39 -4.08
C LEU A 121 -18.58 -14.90 -3.97
N ARG A 122 -17.88 -15.48 -4.91
CA ARG A 122 -17.72 -16.93 -4.97
C ARG A 122 -16.66 -17.38 -3.99
N TYR A 123 -17.06 -17.30 -2.74
CA TYR A 123 -16.21 -17.72 -1.64
C TYR A 123 -15.26 -18.73 -2.18
N HIS A 124 -14.30 -18.23 -2.85
CA HIS A 124 -13.32 -19.06 -3.49
C HIS A 124 -12.08 -18.23 -3.74
N ILE A 125 -12.30 -16.94 -3.68
CA ILE A 125 -11.23 -15.95 -3.86
C ILE A 125 -10.59 -15.62 -2.52
N GLU A 126 -11.04 -16.31 -1.49
CA GLU A 126 -10.54 -16.05 -0.14
C GLU A 126 -9.84 -17.29 0.45
N GLU A 127 -10.53 -17.77 1.44
CA GLU A 127 -10.19 -18.90 2.31
C GLU A 127 -11.09 -18.67 3.54
N GLU A 128 -12.29 -19.23 3.43
CA GLU A 128 -13.41 -19.08 4.41
C GLU A 128 -12.96 -18.72 5.83
N GLY A 129 -13.84 -17.92 6.44
CA GLY A 129 -13.71 -17.38 7.81
C GLY A 129 -13.72 -18.50 8.83
N SER A 130 -12.51 -18.93 9.14
CA SER A 130 -12.27 -20.05 10.06
C SER A 130 -12.87 -19.79 11.44
N ARG A 131 -12.07 -20.12 12.45
CA ARG A 131 -12.50 -20.10 13.87
C ARG A 131 -13.98 -20.45 13.91
N LYS A 132 -14.22 -21.65 14.42
CA LYS A 132 -15.58 -22.18 14.55
C LYS A 132 -16.55 -21.06 14.93
N VAL A 133 -17.07 -21.20 16.14
CA VAL A 133 -18.05 -20.26 16.74
C VAL A 133 -17.89 -18.83 16.15
N ASP A 134 -19.05 -18.18 16.00
CA ASP A 134 -19.16 -16.80 15.47
C ASP A 134 -19.06 -16.83 13.93
N GLY A 135 -20.11 -16.35 13.29
CA GLY A 135 -20.22 -16.42 11.83
C GLY A 135 -20.14 -17.90 11.48
N GLN A 136 -20.85 -18.30 10.47
CA GLN A 136 -20.88 -19.72 10.10
C GLN A 136 -19.83 -20.03 9.03
N LYS A 137 -19.88 -21.27 8.63
CA LYS A 137 -19.01 -21.84 7.61
C LYS A 137 -17.60 -22.01 8.18
N VAL A 138 -16.71 -22.44 7.31
CA VAL A 138 -15.35 -22.80 7.71
C VAL A 138 -14.33 -22.61 6.59
N LYS A 139 -13.13 -22.27 7.04
CA LYS A 139 -11.96 -22.08 6.17
C LYS A 139 -11.72 -23.35 5.35
N ALA A 140 -10.48 -23.80 5.37
CA ALA A 140 -10.07 -25.00 4.64
C ALA A 140 -10.65 -24.99 3.23
N SER A 141 -10.24 -25.96 2.45
CA SER A 141 -10.70 -26.12 1.06
C SER A 141 -9.50 -26.28 0.15
N LYS A 142 -9.63 -27.25 -0.74
CA LYS A 142 -8.55 -27.62 -1.66
C LYS A 142 -8.99 -27.51 -3.13
N GLU A 143 -9.20 -28.70 -3.68
CA GLU A 143 -9.55 -28.93 -5.09
C GLU A 143 -10.78 -28.13 -5.53
N ASP A 144 -11.77 -28.08 -4.66
CA ASP A 144 -13.02 -27.41 -5.01
C ASP A 144 -12.63 -26.05 -5.59
N VAL A 145 -11.71 -25.44 -4.88
CA VAL A 145 -11.03 -24.20 -5.31
C VAL A 145 -10.35 -24.49 -6.66
N GLN A 146 -9.78 -25.69 -6.75
CA GLN A 146 -9.03 -26.16 -7.93
C GLN A 146 -9.90 -25.98 -9.19
N LYS A 147 -11.15 -26.42 -9.07
CA LYS A 147 -12.16 -26.29 -10.14
C LYS A 147 -12.43 -24.81 -10.50
N PHE A 148 -12.62 -24.02 -9.45
CA PHE A 148 -12.93 -22.59 -9.56
C PHE A 148 -11.83 -21.89 -10.36
N ARG A 149 -10.61 -22.19 -9.99
CA ARG A 149 -9.42 -21.66 -10.66
C ARG A 149 -9.43 -22.05 -12.15
N HIS A 150 -9.67 -23.33 -12.39
CA HIS A 150 -9.71 -23.90 -13.75
C HIS A 150 -10.76 -23.16 -14.56
N GLU A 151 -11.90 -23.06 -13.92
CA GLU A 151 -13.07 -22.39 -14.47
C GLU A 151 -12.75 -20.94 -14.83
N LEU A 152 -12.11 -20.25 -13.89
CA LEU A 152 -11.78 -18.81 -14.01
C LEU A 152 -10.90 -18.46 -15.23
N SER A 153 -9.78 -19.17 -15.31
CA SER A 153 -8.80 -19.01 -16.41
C SER A 153 -9.53 -19.27 -17.70
N SER A 154 -10.32 -20.31 -17.54
CA SER A 154 -11.22 -20.89 -18.53
C SER A 154 -11.25 -20.08 -19.83
N LEU A 155 -11.46 -18.78 -19.75
CA LEU A 155 -11.54 -17.94 -20.98
C LEU A 155 -10.52 -16.78 -20.96
N ALA A 156 -9.25 -17.12 -21.14
CA ALA A 156 -8.16 -16.12 -21.15
C ALA A 156 -6.97 -16.59 -22.01
N ASP A 157 -5.96 -15.74 -22.03
CA ASP A 157 -4.71 -15.98 -22.77
C ASP A 157 -3.51 -15.49 -21.92
N VAL A 158 -3.60 -14.21 -21.59
CA VAL A 158 -2.63 -13.41 -20.77
C VAL A 158 -3.33 -12.68 -19.58
N TYR A 159 -2.79 -12.86 -18.39
CA TYR A 159 -3.35 -12.30 -17.12
C TYR A 159 -2.46 -11.17 -16.54
N ILE A 160 -3.09 -10.00 -16.40
CA ILE A 160 -2.43 -8.76 -15.92
C ILE A 160 -2.97 -8.26 -14.57
N ASN A 161 -2.07 -8.34 -13.59
CA ASN A 161 -2.31 -7.84 -12.22
C ASN A 161 -1.96 -6.35 -12.20
N ASP A 162 -2.87 -5.55 -11.69
CA ASP A 162 -2.66 -4.09 -11.64
C ASP A 162 -3.38 -3.48 -10.44
N ALA A 163 -3.06 -4.07 -9.32
CA ALA A 163 -3.54 -3.70 -8.00
C ALA A 163 -2.54 -4.30 -7.01
N PHE A 164 -2.47 -3.73 -5.84
CA PHE A 164 -1.53 -4.22 -4.82
C PHE A 164 -2.18 -5.28 -3.94
N GLY A 165 -2.74 -6.30 -4.58
CA GLY A 165 -3.40 -7.40 -3.86
C GLY A 165 -2.48 -8.64 -3.80
N THR A 166 -2.25 -9.28 -4.94
CA THR A 166 -1.42 -10.53 -5.01
C THR A 166 0.07 -10.25 -4.80
N ALA A 167 0.38 -9.79 -3.62
CA ALA A 167 1.76 -9.49 -3.20
C ALA A 167 1.83 -9.61 -1.68
N HIS A 168 0.89 -10.39 -1.21
CA HIS A 168 0.70 -10.69 0.20
C HIS A 168 -0.63 -11.42 0.37
N ARG A 169 -0.51 -12.72 0.29
CA ARG A 169 -1.66 -13.63 0.38
C ARG A 169 -1.63 -14.53 -0.87
N ALA A 170 -2.68 -14.42 -1.65
CA ALA A 170 -2.84 -15.19 -2.91
C ALA A 170 -4.08 -14.67 -3.63
N HIS A 171 -5.17 -15.05 -3.04
CA HIS A 171 -6.52 -14.66 -3.45
C HIS A 171 -6.69 -14.68 -4.97
N SER A 172 -7.95 -14.82 -5.31
CA SER A 172 -8.44 -14.91 -6.69
C SER A 172 -7.92 -13.74 -7.51
N SER A 173 -7.74 -14.05 -8.78
CA SER A 173 -7.28 -13.10 -9.79
C SER A 173 -5.74 -13.04 -9.80
N MET A 174 -5.13 -13.62 -8.78
CA MET A 174 -3.66 -13.60 -8.65
C MET A 174 -3.03 -15.00 -8.68
N VAL A 175 -3.86 -16.02 -8.55
CA VAL A 175 -3.36 -17.42 -8.53
C VAL A 175 -3.97 -18.23 -9.70
N GLY A 176 -4.92 -19.08 -9.36
CA GLY A 176 -5.65 -19.98 -10.31
C GLY A 176 -5.32 -19.70 -11.79
N PHE A 177 -5.61 -18.48 -12.21
CA PHE A 177 -5.42 -18.02 -13.60
C PHE A 177 -4.25 -18.75 -14.28
N ASP A 178 -4.30 -20.08 -14.24
CA ASP A 178 -3.27 -20.91 -14.90
C ASP A 178 -3.22 -20.47 -16.36
N LEU A 179 -2.24 -20.97 -17.04
CA LEU A 179 -1.98 -20.53 -18.40
C LEU A 179 -0.93 -19.42 -18.25
N PRO A 180 0.10 -19.36 -19.07
CA PRO A 180 1.14 -18.37 -18.89
C PRO A 180 0.63 -16.96 -19.01
N GLN A 181 1.56 -16.15 -19.53
CA GLN A 181 1.38 -14.71 -19.82
C GLN A 181 1.07 -13.90 -18.55
N ARG A 182 2.14 -13.37 -17.95
CA ARG A 182 2.04 -12.51 -16.76
C ARG A 182 2.57 -11.12 -17.11
N ALA A 183 1.54 -10.28 -17.17
CA ALA A 183 1.55 -8.86 -17.56
C ALA A 183 1.00 -8.00 -16.43
N ALA A 184 1.79 -7.05 -16.01
CA ALA A 184 1.43 -6.17 -14.88
C ALA A 184 1.23 -4.71 -15.33
N GLY A 185 0.00 -4.26 -15.13
CA GLY A 185 -0.39 -2.88 -15.42
C GLY A 185 0.76 -1.93 -15.05
N PHE A 186 0.70 -0.76 -15.64
CA PHE A 186 1.71 0.30 -15.44
C PHE A 186 1.87 0.58 -13.95
N LEU A 187 0.74 0.57 -13.26
CA LEU A 187 0.68 0.86 -11.82
C LEU A 187 1.65 -0.01 -11.01
N LEU A 188 1.55 -1.30 -11.22
CA LEU A 188 2.42 -2.29 -10.56
C LEU A 188 3.87 -1.97 -10.91
N GLU A 189 4.00 -1.72 -12.19
CA GLU A 189 5.27 -1.40 -12.84
C GLU A 189 5.93 -0.19 -12.19
N LYS A 190 5.12 0.83 -11.99
CA LYS A 190 5.59 2.09 -11.39
C LYS A 190 6.22 1.85 -10.02
N GLU A 191 5.50 1.09 -9.20
CA GLU A 191 5.93 0.80 -7.83
C GLU A 191 7.27 0.13 -7.76
N LEU A 192 7.32 -0.93 -8.50
CA LEU A 192 8.49 -1.78 -8.55
C LEU A 192 9.66 -0.95 -8.96
N LYS A 193 9.45 -0.22 -10.02
CA LYS A 193 10.48 0.66 -10.54
C LYS A 193 10.86 1.73 -9.53
N TYR A 194 9.88 2.50 -9.09
CA TYR A 194 10.12 3.57 -8.10
C TYR A 194 10.58 2.97 -6.79
N PHE A 195 9.72 2.09 -6.36
CA PHE A 195 9.89 1.30 -5.16
C PHE A 195 11.09 0.42 -5.25
N GLY A 196 11.12 -0.24 -6.38
CA GLY A 196 12.05 -1.33 -6.62
C GLY A 196 13.54 -0.98 -6.42
N LYS A 197 13.99 0.07 -7.07
CA LYS A 197 15.43 0.49 -7.07
C LYS A 197 16.08 0.98 -5.76
N ALA A 198 15.44 1.86 -5.01
CA ALA A 198 16.13 2.42 -3.84
C ALA A 198 16.77 1.20 -3.29
N LEU A 199 15.98 0.19 -3.48
CA LEU A 199 16.32 -1.19 -3.22
C LEU A 199 17.62 -1.58 -3.97
N GLU A 200 17.71 -1.21 -5.26
CA GLU A 200 18.91 -1.52 -6.10
C GLU A 200 20.17 -0.82 -5.55
N ASN A 201 20.82 -0.03 -6.42
CA ASN A 201 22.07 0.70 -6.05
C ASN A 201 21.94 2.19 -6.34
N PRO A 202 20.81 2.84 -6.05
CA PRO A 202 20.64 4.26 -6.31
C PRO A 202 21.65 5.09 -5.55
N THR A 203 22.47 5.83 -6.31
CA THR A 203 23.46 6.75 -5.71
C THR A 203 22.70 7.75 -4.88
N ARG A 204 21.99 8.64 -5.57
CA ARG A 204 21.17 9.55 -4.81
C ARG A 204 20.91 8.75 -3.56
N PRO A 205 21.20 9.26 -2.40
CA PRO A 205 21.12 8.45 -1.24
C PRO A 205 19.76 7.92 -1.08
N PHE A 206 19.66 7.09 -0.11
CA PHE A 206 18.40 6.62 0.33
C PHE A 206 18.32 7.23 1.69
N LEU A 207 17.47 8.20 1.65
CA LEU A 207 17.19 9.07 2.75
C LEU A 207 15.80 8.76 3.09
N ALA A 208 15.74 8.34 4.31
CA ALA A 208 14.59 7.68 4.88
C ALA A 208 13.90 8.46 5.96
N ILE A 209 12.62 8.70 5.69
CA ILE A 209 11.73 9.38 6.63
C ILE A 209 10.54 8.51 7.13
N LEU A 210 10.62 8.18 8.42
CA LEU A 210 9.53 7.48 9.18
C LEU A 210 9.15 8.29 10.47
N GLY A 211 7.90 8.77 10.55
CA GLY A 211 7.42 9.57 11.72
C GLY A 211 6.73 8.70 12.82
N GLY A 212 6.45 9.38 13.96
CA GLY A 212 5.77 8.81 15.17
C GLY A 212 6.50 7.60 15.71
N ALA A 213 6.15 7.26 16.93
CA ALA A 213 6.73 6.10 17.61
C ALA A 213 5.99 4.85 17.16
N LYS A 214 5.46 4.21 18.17
CA LYS A 214 4.65 3.01 18.06
C LYS A 214 5.01 2.19 16.83
N VAL A 215 5.21 0.92 17.13
CA VAL A 215 5.51 -0.13 16.18
C VAL A 215 4.25 -1.00 16.04
N ALA A 216 4.45 -2.14 15.45
CA ALA A 216 3.44 -3.14 15.08
C ALA A 216 4.11 -3.69 13.92
N ASP A 217 3.99 -4.90 13.50
CA ASP A 217 4.97 -5.03 12.53
C ASP A 217 5.56 -3.66 12.74
N LYS A 218 4.94 -3.02 13.77
CA LYS A 218 5.30 -1.67 14.14
C LYS A 218 6.76 -1.79 14.23
N ILE A 219 7.03 -2.83 14.96
CA ILE A 219 8.34 -3.42 15.05
C ILE A 219 8.68 -3.98 13.66
N GLN A 220 7.70 -4.68 13.08
CA GLN A 220 7.89 -5.33 11.78
C GLN A 220 8.41 -4.33 10.82
N LEU A 221 7.80 -3.18 10.86
CA LEU A 221 8.21 -2.16 9.94
C LEU A 221 9.69 -1.94 10.06
N ILE A 222 10.10 -1.87 11.29
CA ILE A 222 11.48 -1.54 11.59
C ILE A 222 12.48 -2.46 11.00
N ASP A 223 12.38 -3.75 11.17
CA ASP A 223 13.52 -4.45 10.64
C ASP A 223 13.67 -4.26 9.16
N ASN A 224 12.67 -4.49 8.36
CA ASN A 224 12.99 -4.33 6.95
C ASN A 224 13.37 -2.94 6.55
N LEU A 225 12.58 -1.97 6.91
CA LEU A 225 12.99 -0.65 6.52
C LEU A 225 14.41 -0.57 6.96
N LEU A 226 14.63 -1.27 8.06
CA LEU A 226 15.93 -1.28 8.71
C LEU A 226 17.10 -1.57 7.73
N ASP A 227 17.06 -2.52 6.81
CA ASP A 227 18.22 -2.67 5.86
C ASP A 227 17.98 -1.86 4.56
N LYS A 228 19.09 -1.38 3.93
CA LYS A 228 18.98 -0.58 2.67
C LYS A 228 20.31 -0.10 2.08
N VAL A 229 20.28 1.16 1.68
CA VAL A 229 21.44 1.84 1.07
C VAL A 229 21.87 3.03 1.94
N ASP A 230 21.32 4.18 1.63
CA ASP A 230 21.63 5.41 2.36
C ASP A 230 21.07 5.35 3.72
N SER A 231 22.05 5.39 4.52
CA SER A 231 21.94 5.28 5.94
C SER A 231 21.23 6.46 6.59
N ILE A 232 20.20 7.03 5.98
CA ILE A 232 19.47 8.15 6.64
C ILE A 232 18.01 7.80 6.87
N ILE A 233 17.70 7.62 8.11
CA ILE A 233 16.35 7.26 8.56
C ILE A 233 15.81 8.22 9.60
N ILE A 234 14.70 8.81 9.35
CA ILE A 234 14.17 9.67 10.39
C ILE A 234 12.89 9.02 10.94
N GLY A 235 13.23 8.55 12.14
CA GLY A 235 12.43 7.78 13.09
C GLY A 235 12.38 8.49 14.45
N GLY A 236 11.19 8.81 14.92
CA GLY A 236 11.05 9.48 16.22
C GLY A 236 10.38 8.52 17.23
N GLY A 237 11.22 8.15 18.22
CA GLY A 237 10.84 7.24 19.33
C GLY A 237 11.40 7.79 20.66
N MET A 238 10.67 7.42 21.72
CA MET A 238 10.95 7.88 23.11
C MET A 238 12.19 7.16 23.74
N ALA A 239 12.23 5.83 23.68
CA ALA A 239 13.35 5.01 24.18
C ALA A 239 14.65 5.36 23.45
N PHE A 240 14.51 5.44 22.12
CA PHE A 240 15.67 5.69 21.25
C PHE A 240 16.37 6.83 21.89
N THR A 241 15.51 7.76 22.22
CA THR A 241 15.89 8.94 22.93
C THR A 241 16.57 8.40 24.16
N PHE A 242 15.90 7.40 24.72
CA PHE A 242 16.37 6.71 25.90
C PHE A 242 17.75 6.10 25.63
N LYS A 243 17.73 5.32 24.58
CA LYS A 243 18.88 4.59 24.10
C LYS A 243 20.01 5.53 23.77
N LYS A 244 19.64 6.57 23.06
CA LYS A 244 20.62 7.52 22.55
C LYS A 244 21.44 8.11 23.69
N VAL A 245 20.74 8.62 24.66
CA VAL A 245 21.37 9.26 25.83
C VAL A 245 20.89 8.56 27.10
N LEU A 246 20.01 9.18 27.87
CA LEU A 246 19.53 8.52 29.11
C LEU A 246 18.57 9.38 29.95
N GLU A 247 19.04 10.54 30.33
CA GLU A 247 18.28 11.45 31.20
C GLU A 247 16.91 11.79 30.63
N ASN A 248 16.86 12.04 29.34
CA ASN A 248 15.61 12.46 28.69
C ASN A 248 14.54 11.45 29.08
N THR A 249 14.89 10.21 28.88
CA THR A 249 14.05 9.08 29.26
C THR A 249 13.85 9.02 30.78
N GLU A 250 14.94 9.16 31.51
CA GLU A 250 14.89 8.91 32.96
C GLU A 250 13.84 9.79 33.68
N ILE A 251 13.93 11.12 33.64
CA ILE A 251 12.85 11.97 34.19
C ILE A 251 11.59 11.87 33.28
N GLY A 252 11.80 11.96 31.97
CA GLY A 252 10.68 11.80 31.02
C GLY A 252 9.73 10.74 31.61
N ASP A 253 10.29 9.54 31.74
CA ASP A 253 9.61 8.38 32.37
C ASP A 253 10.52 7.16 32.42
N SER A 254 10.08 6.10 31.74
CA SER A 254 10.83 4.82 31.79
C SER A 254 10.66 3.91 30.57
N ILE A 255 9.44 3.60 30.18
CA ILE A 255 9.22 2.58 29.13
C ILE A 255 8.50 3.08 27.86
N PHE A 256 8.99 2.53 26.75
CA PHE A 256 8.45 2.73 25.39
C PHE A 256 7.73 1.43 25.00
N ASP A 257 8.26 0.77 23.98
CA ASP A 257 7.77 -0.57 23.60
C ASP A 257 8.80 -1.54 24.20
N LYS A 258 8.30 -2.30 25.16
CA LYS A 258 9.15 -3.14 26.03
C LYS A 258 10.07 -4.04 25.20
N ALA A 259 9.49 -4.77 24.26
CA ALA A 259 10.27 -5.58 23.30
C ALA A 259 11.14 -4.68 22.43
N VAL A 260 10.44 -3.66 21.91
CA VAL A 260 11.02 -2.66 21.00
C VAL A 260 12.28 -2.09 21.59
N GLY A 261 12.36 -2.08 22.89
CA GLY A 261 13.53 -1.50 23.52
C GLY A 261 14.81 -2.24 23.10
N PRO A 262 14.93 -3.56 23.28
CA PRO A 262 16.11 -4.28 22.86
C PRO A 262 16.30 -4.22 21.37
N GLU A 263 15.22 -4.57 20.70
CA GLU A 263 15.20 -4.66 19.25
C GLU A 263 15.59 -3.32 18.63
N ILE A 264 14.96 -2.27 19.13
CA ILE A 264 15.19 -0.90 18.64
C ILE A 264 16.66 -0.47 18.81
N ALA A 265 17.19 -0.64 20.00
CA ALA A 265 18.58 -0.29 20.24
C ALA A 265 19.41 -1.11 19.26
N LYS A 266 19.06 -2.39 19.23
CA LYS A 266 19.74 -3.38 18.40
C LYS A 266 19.67 -3.11 16.89
N LEU A 267 18.45 -2.95 16.38
CA LEU A 267 18.26 -2.69 14.95
C LEU A 267 18.97 -1.40 14.61
N MET A 268 18.78 -0.48 15.50
CA MET A 268 19.36 0.83 15.39
C MET A 268 20.86 0.70 15.18
N GLU A 269 21.48 -0.16 15.98
CA GLU A 269 22.95 -0.37 15.90
C GLU A 269 23.37 -0.82 14.51
N LYS A 270 22.66 -1.83 14.04
CA LYS A 270 22.91 -2.45 12.74
C LYS A 270 22.84 -1.36 11.69
N ALA A 271 21.85 -0.53 11.90
CA ALA A 271 21.59 0.59 11.02
C ALA A 271 22.86 1.44 10.89
N LYS A 272 23.49 1.73 12.02
CA LYS A 272 24.73 2.54 12.00
C LYS A 272 25.76 1.85 11.12
N ALA A 273 25.93 0.57 11.40
CA ALA A 273 26.88 -0.30 10.68
C ALA A 273 26.57 -0.41 9.18
N LYS A 274 25.32 -0.73 8.90
CA LYS A 274 24.84 -0.91 7.52
C LYS A 274 25.02 0.37 6.68
N GLY A 275 24.60 1.48 7.26
CA GLY A 275 24.65 2.81 6.61
C GLY A 275 25.32 3.80 7.53
N VAL A 276 24.51 4.42 8.40
CA VAL A 276 25.10 5.38 9.34
C VAL A 276 24.12 6.09 10.31
N GLU A 277 23.24 6.90 9.76
CA GLU A 277 22.42 7.85 10.58
C GLU A 277 20.88 7.82 10.51
N VAL A 278 20.42 7.78 11.75
CA VAL A 278 19.01 7.84 12.20
C VAL A 278 18.78 9.16 12.95
N VAL A 279 17.82 9.93 12.49
CA VAL A 279 17.55 11.27 13.05
C VAL A 279 16.24 11.30 13.82
N LEU A 280 16.44 11.60 15.11
CA LEU A 280 15.37 11.71 16.11
C LEU A 280 15.12 13.17 16.54
N PRO A 281 14.19 13.36 17.50
CA PRO A 281 13.77 14.69 18.01
C PRO A 281 14.89 15.53 18.66
N VAL A 282 14.74 15.69 19.98
CA VAL A 282 15.58 16.52 20.90
C VAL A 282 14.74 17.71 21.34
N ASP A 283 13.82 18.05 20.46
CA ASP A 283 12.82 19.09 20.71
C ASP A 283 11.51 18.47 20.24
N PHE A 284 10.66 18.53 21.24
CA PHE A 284 9.35 17.91 21.30
C PHE A 284 8.34 18.77 22.00
N ILE A 285 7.12 18.52 21.63
CA ILE A 285 5.99 19.17 22.23
C ILE A 285 5.05 18.07 22.75
N ILE A 286 4.66 18.34 24.00
CA ILE A 286 3.86 17.47 24.89
C ILE A 286 2.80 18.28 25.64
N ALA A 287 1.67 17.63 25.81
CA ALA A 287 0.47 18.24 26.42
C ALA A 287 -0.20 17.32 27.46
N ASP A 288 -0.64 17.94 28.54
CA ASP A 288 -1.36 17.23 29.62
C ASP A 288 -1.68 15.79 29.18
N ALA A 289 -2.85 15.59 28.57
CA ALA A 289 -3.32 14.24 28.10
C ALA A 289 -2.68 13.88 26.74
N PHE A 290 -3.11 12.73 26.17
CA PHE A 290 -2.63 12.24 24.84
C PHE A 290 -3.38 12.98 23.73
N SER A 291 -4.61 13.30 24.07
CA SER A 291 -5.53 14.02 23.17
C SER A 291 -4.85 15.28 22.62
N ALA A 292 -5.67 16.28 22.41
CA ALA A 292 -5.23 17.59 21.89
C ALA A 292 -5.84 18.73 22.71
N SER A 293 -5.09 19.12 23.73
CA SER A 293 -5.47 20.20 24.67
C SER A 293 -4.39 20.32 25.75
N ALA A 294 -4.24 21.52 26.31
CA ALA A 294 -3.20 21.76 27.34
C ALA A 294 -1.92 21.06 26.85
N ASN A 295 -1.03 21.91 26.37
CA ASN A 295 0.21 21.51 25.67
C ASN A 295 1.43 22.36 26.05
N THR A 296 2.57 21.67 26.08
CA THR A 296 3.87 22.27 26.40
C THR A 296 4.95 21.83 25.37
N LYS A 297 5.78 22.80 24.96
CA LYS A 297 6.89 22.56 24.01
C LYS A 297 8.17 23.26 24.50
N THR A 298 9.10 22.36 24.57
CA THR A 298 10.46 22.49 25.10
C THR A 298 11.36 21.54 24.40
N VAL A 299 12.61 21.72 24.60
CA VAL A 299 13.51 20.79 23.99
C VAL A 299 14.18 19.96 25.06
N THR A 300 14.03 18.68 24.74
CA THR A 300 14.54 17.53 25.49
C THR A 300 13.87 17.33 26.87
N ASP A 301 14.78 17.27 27.83
CA ASP A 301 14.56 16.99 29.26
C ASP A 301 13.30 17.64 29.90
N LYS A 302 12.57 16.78 30.64
CA LYS A 302 11.35 17.11 31.45
C LYS A 302 10.06 16.44 30.92
N GLU A 303 9.67 15.42 31.68
CA GLU A 303 8.45 14.62 31.44
C GLU A 303 8.15 13.84 32.73
N GLY A 304 7.13 13.01 32.69
CA GLY A 304 6.74 12.18 33.85
C GLY A 304 5.22 12.00 33.87
N ILE A 305 4.64 12.41 34.99
CA ILE A 305 3.19 12.33 35.21
C ILE A 305 2.49 12.43 33.87
N PRO A 306 2.24 13.62 33.36
CA PRO A 306 1.58 13.76 32.08
C PRO A 306 2.41 13.08 31.02
N ALA A 307 2.36 11.75 31.03
CA ALA A 307 3.08 10.92 30.05
C ALA A 307 3.35 9.49 30.55
N GLY A 308 4.48 8.99 30.07
CA GLY A 308 4.96 7.61 30.32
C GLY A 308 5.18 6.97 28.95
N TRP A 309 5.97 7.68 28.19
CA TRP A 309 6.31 7.39 26.80
C TRP A 309 6.93 8.68 26.24
N GLN A 310 6.30 9.80 26.63
CA GLN A 310 6.83 11.16 26.33
C GLN A 310 5.78 12.27 25.90
N GLY A 311 6.15 13.03 24.81
CA GLY A 311 5.46 14.30 24.31
C GLY A 311 4.34 14.15 23.22
N LEU A 312 4.61 13.53 22.08
CA LEU A 312 3.52 13.34 21.07
C LEU A 312 3.93 13.74 19.64
N ASP A 313 3.51 14.94 19.26
CA ASP A 313 3.73 15.46 17.89
C ASP A 313 5.10 16.12 17.69
N ASN A 314 5.53 15.99 16.45
CA ASN A 314 6.76 16.57 15.93
C ASN A 314 6.61 18.11 16.01
N GLY A 315 7.50 18.72 16.78
CA GLY A 315 7.45 20.16 17.07
C GLY A 315 8.45 20.97 16.24
N PRO A 316 8.89 22.14 16.74
CA PRO A 316 9.79 23.01 16.00
C PRO A 316 11.10 22.36 15.65
N GLU A 317 11.75 21.82 16.67
CA GLU A 317 13.08 21.18 16.52
C GLU A 317 12.98 20.03 15.55
N SER A 318 12.02 19.21 15.83
CA SER A 318 11.73 18.02 15.07
C SER A 318 11.47 18.41 13.62
N ARG A 319 10.67 19.46 13.46
CA ARG A 319 10.31 19.94 12.14
C ARG A 319 11.55 20.30 11.34
N LYS A 320 12.41 21.07 11.93
CA LYS A 320 13.59 21.53 11.22
C LYS A 320 14.47 20.36 10.78
N LEU A 321 14.82 19.52 11.72
CA LEU A 321 15.71 18.42 11.41
C LEU A 321 15.11 17.61 10.29
N PHE A 322 13.83 17.36 10.43
CA PHE A 322 13.10 16.57 9.44
C PHE A 322 13.25 17.21 8.09
N ALA A 323 12.93 18.47 8.12
CA ALA A 323 13.09 19.32 6.97
C ALA A 323 14.55 19.27 6.62
N ALA A 324 15.34 19.32 7.68
CA ALA A 324 16.80 19.42 7.56
C ALA A 324 17.39 18.29 6.72
N THR A 325 17.13 17.07 7.14
CA THR A 325 17.54 15.90 6.36
C THR A 325 16.79 15.94 5.06
N VAL A 326 15.54 16.36 5.16
CA VAL A 326 14.65 16.38 4.01
C VAL A 326 15.38 17.04 2.87
N ALA A 327 15.93 18.17 3.16
CA ALA A 327 16.77 18.83 2.20
C ALA A 327 18.07 18.07 2.27
N LYS A 328 18.27 17.23 1.29
CA LYS A 328 19.45 16.39 1.24
C LYS A 328 19.09 15.10 0.50
N ALA A 329 19.27 15.24 -0.79
CA ALA A 329 19.03 14.21 -1.81
C ALA A 329 18.34 12.99 -1.23
N THR A 330 19.06 11.89 -1.23
CA THR A 330 18.50 10.64 -0.77
C THR A 330 17.07 10.56 -1.30
N VAL A 331 16.60 9.36 -1.47
CA VAL A 331 15.20 9.17 -1.82
C VAL A 331 14.45 9.26 -0.50
N ILE A 332 13.22 9.66 -0.58
CA ILE A 332 12.40 9.85 0.62
C ILE A 332 11.14 9.00 0.63
N LEU A 333 11.16 8.14 1.64
CA LEU A 333 10.09 7.19 1.96
C LEU A 333 9.51 7.42 3.34
N TRP A 334 8.24 7.67 3.24
CA TRP A 334 7.38 8.02 4.34
C TRP A 334 6.20 7.05 4.53
N ASN A 335 6.17 6.43 5.71
CA ASN A 335 5.10 5.48 6.11
C ASN A 335 3.93 6.20 6.84
N GLY A 336 4.00 6.13 8.18
CA GLY A 336 2.96 6.68 9.09
C GLY A 336 3.13 8.17 9.35
N PRO A 337 2.19 8.77 10.12
CA PRO A 337 2.22 10.20 10.44
C PRO A 337 3.50 10.59 11.16
N PRO A 338 3.94 11.88 11.10
CA PRO A 338 5.14 12.28 11.79
C PRO A 338 4.90 11.95 13.20
N GLY A 339 3.63 11.87 13.40
CA GLY A 339 3.04 11.55 14.68
C GLY A 339 1.54 11.66 14.53
N VAL A 340 0.96 12.18 15.56
CA VAL A 340 -0.48 12.40 15.61
C VAL A 340 -0.79 13.64 14.78
N PHE A 341 -0.91 13.39 13.49
CA PHE A 341 -1.09 14.43 12.46
C PHE A 341 -2.55 14.86 12.31
N GLU A 342 -3.41 14.08 12.91
CA GLU A 342 -4.85 14.27 12.82
C GLU A 342 -5.44 15.00 14.02
N PHE A 343 -4.61 15.45 14.92
CA PHE A 343 -5.10 16.18 16.09
C PHE A 343 -4.39 17.54 16.17
N GLU A 344 -4.88 18.38 15.27
CA GLU A 344 -4.43 19.77 15.08
C GLU A 344 -3.87 20.34 16.38
N LYS A 345 -2.71 20.95 16.26
CA LYS A 345 -2.00 21.51 17.42
C LYS A 345 -0.78 20.63 17.63
N PHE A 346 -1.13 19.38 17.50
CA PHE A 346 -0.24 18.24 17.59
C PHE A 346 -0.21 17.59 16.20
N ALA A 347 -0.31 18.50 15.22
CA ALA A 347 -0.32 18.18 13.77
C ALA A 347 -0.13 19.48 12.94
N ALA A 348 1.06 20.06 13.04
CA ALA A 348 1.40 21.31 12.34
C ALA A 348 2.75 21.20 11.62
N GLY A 349 3.75 20.96 12.43
CA GLY A 349 5.12 20.80 11.98
C GLY A 349 5.10 19.77 10.88
N THR A 350 4.27 18.80 11.13
CA THR A 350 4.11 17.64 10.28
C THR A 350 3.89 18.02 8.81
N LYS A 351 2.94 18.89 8.59
CA LYS A 351 2.65 19.36 7.23
C LYS A 351 3.94 19.88 6.67
N ALA A 352 4.61 20.55 7.56
CA ALA A 352 5.85 21.23 7.24
C ALA A 352 6.81 20.28 6.55
N LEU A 353 6.99 19.12 7.14
CA LEU A 353 7.84 18.05 6.59
C LEU A 353 7.33 17.56 5.23
N LEU A 354 6.04 17.33 5.24
CA LEU A 354 5.31 16.77 4.11
C LEU A 354 5.57 17.62 2.86
N ASP A 355 5.55 18.91 3.04
CA ASP A 355 5.70 19.86 1.93
C ASP A 355 7.00 19.73 1.11
N GLU A 356 8.12 19.79 1.78
CA GLU A 356 9.43 19.77 1.10
C GLU A 356 9.59 18.50 0.29
N VAL A 357 9.26 17.39 0.91
CA VAL A 357 9.46 16.09 0.30
C VAL A 357 8.79 16.02 -1.05
N VAL A 358 7.52 16.33 -1.05
CA VAL A 358 6.74 16.34 -2.29
C VAL A 358 7.31 17.39 -3.21
N LYS A 359 7.50 18.55 -2.65
CA LYS A 359 7.99 19.66 -3.44
C LYS A 359 9.27 19.24 -4.09
N SER A 360 10.13 18.72 -3.26
CA SER A 360 11.44 18.30 -3.69
C SER A 360 11.37 17.25 -4.78
N SER A 361 10.61 16.22 -4.49
CA SER A 361 10.51 15.10 -5.41
C SER A 361 11.47 15.37 -6.56
N ALA A 362 11.06 16.36 -7.35
CA ALA A 362 11.87 16.84 -8.46
C ALA A 362 13.19 17.29 -7.86
N ALA A 363 13.22 18.57 -7.50
CA ALA A 363 14.35 19.06 -6.76
C ALA A 363 14.60 17.94 -5.78
N GLY A 364 15.59 18.05 -4.95
CA GLY A 364 15.85 16.93 -4.07
C GLY A 364 15.72 15.67 -4.94
N ASN A 365 14.92 14.74 -4.48
CA ASN A 365 14.75 13.50 -5.24
C ASN A 365 13.37 12.87 -5.04
N THR A 366 13.01 12.12 -6.06
CA THR A 366 11.75 11.37 -6.12
C THR A 366 11.32 10.98 -4.70
N VAL A 367 10.01 11.08 -4.46
CA VAL A 367 9.41 10.81 -3.12
C VAL A 367 8.35 9.67 -3.14
N ILE A 368 8.62 8.56 -2.42
CA ILE A 368 7.66 7.43 -2.32
C ILE A 368 7.18 7.22 -0.88
N ILE A 369 5.95 7.71 -0.68
CA ILE A 369 5.17 7.68 0.61
C ILE A 369 3.74 7.20 0.42
N GLY A 370 3.33 6.13 1.02
CA GLY A 370 1.92 5.75 0.85
C GLY A 370 1.50 4.74 1.88
N GLY A 371 0.26 4.83 2.27
CA GLY A 371 -0.25 3.90 3.26
C GLY A 371 -1.69 4.08 3.58
N GLY A 372 -1.83 4.55 4.77
CA GLY A 372 -3.11 4.86 5.34
C GLY A 372 -2.98 6.18 6.06
N ASP A 373 -2.24 6.12 7.14
CA ASP A 373 -2.08 7.28 8.01
C ASP A 373 -1.55 8.46 7.22
N THR A 374 -0.45 8.20 6.56
CA THR A 374 0.21 9.19 5.71
C THR A 374 -0.76 9.61 4.59
N ALA A 375 -1.46 8.62 4.04
CA ALA A 375 -2.39 8.85 2.93
C ALA A 375 -3.31 9.99 3.31
N THR A 376 -3.79 9.90 4.53
CA THR A 376 -4.63 10.94 5.12
C THR A 376 -3.85 12.23 5.09
N VAL A 377 -2.61 12.09 5.53
CA VAL A 377 -1.68 13.21 5.60
C VAL A 377 -1.56 13.81 4.22
N ALA A 378 -1.36 12.93 3.26
CA ALA A 378 -1.21 13.35 1.88
C ALA A 378 -2.45 14.08 1.38
N LYS A 379 -3.60 13.46 1.55
CA LYS A 379 -4.87 14.05 1.09
C LYS A 379 -5.13 15.40 1.78
N LYS A 380 -5.01 15.40 3.12
CA LYS A 380 -5.29 16.61 3.93
C LYS A 380 -4.37 17.80 3.57
N TYR A 381 -3.08 17.55 3.60
CA TYR A 381 -2.09 18.56 3.18
C TYR A 381 -2.27 18.88 1.70
N GLY A 382 -2.44 17.80 0.96
CA GLY A 382 -2.67 17.87 -0.47
C GLY A 382 -1.43 17.40 -1.21
N VAL A 383 -1.54 16.19 -1.70
CA VAL A 383 -0.46 15.54 -2.44
C VAL A 383 0.21 16.57 -3.36
N THR A 384 -0.67 17.25 -4.09
CA THR A 384 -0.31 18.28 -5.08
C THR A 384 1.15 18.11 -5.55
N ASP A 385 1.15 17.35 -6.65
CA ASP A 385 2.32 16.92 -7.47
C ASP A 385 2.90 15.61 -6.91
N LYS A 386 2.61 15.35 -5.65
CA LYS A 386 2.99 14.09 -4.95
C LYS A 386 4.46 13.67 -5.24
N ILE A 387 4.84 13.83 -6.50
CA ILE A 387 6.19 13.51 -7.10
C ILE A 387 6.95 12.37 -6.49
N SER A 388 6.41 11.26 -6.76
CA SER A 388 6.96 10.00 -6.40
C SER A 388 5.84 9.06 -6.36
N HIS A 389 5.82 8.39 -5.28
CA HIS A 389 4.91 7.33 -5.09
C HIS A 389 4.00 7.43 -3.90
N VAL A 390 2.74 7.32 -4.22
CA VAL A 390 1.75 7.12 -3.20
C VAL A 390 1.47 5.67 -3.45
N SER A 391 2.04 4.89 -2.55
CA SER A 391 2.17 3.45 -2.68
C SER A 391 1.00 2.67 -2.17
N THR A 392 -0.15 3.26 -2.27
CA THR A 392 -1.35 2.58 -1.83
C THR A 392 -0.93 1.20 -1.30
N GLY A 393 -1.89 0.53 -0.69
CA GLY A 393 -1.63 -0.68 0.04
C GLY A 393 -0.78 -0.18 1.16
N GLY A 394 -1.42 0.64 1.98
CA GLY A 394 -0.66 1.37 2.97
C GLY A 394 0.21 0.38 3.67
N GLY A 395 -0.41 -0.67 4.16
CA GLY A 395 0.28 -1.83 4.78
C GLY A 395 1.07 -2.78 3.83
N ALA A 396 0.33 -3.27 2.82
CA ALA A 396 0.78 -4.36 1.90
C ALA A 396 2.07 -4.00 1.22
N SER A 397 2.07 -2.79 0.74
CA SER A 397 3.22 -2.25 0.05
C SER A 397 4.46 -2.31 0.96
N LEU A 398 4.26 -1.86 2.20
CA LEU A 398 5.36 -1.76 3.17
C LEU A 398 6.04 -3.07 3.44
N GLU A 399 5.24 -4.04 3.80
CA GLU A 399 5.85 -5.31 4.05
C GLU A 399 6.59 -5.56 2.79
N LEU A 400 5.82 -5.27 1.75
CA LEU A 400 6.28 -5.39 0.38
C LEU A 400 7.50 -4.54 0.19
N LEU A 401 7.33 -3.36 0.69
CA LEU A 401 8.34 -2.33 0.68
C LEU A 401 9.56 -2.94 1.30
N GLU A 402 9.19 -3.64 2.32
CA GLU A 402 10.07 -4.28 3.26
C GLU A 402 11.10 -5.16 2.57
N GLY A 403 10.69 -6.00 1.65
CA GLY A 403 11.64 -6.86 0.93
C GLY A 403 11.18 -8.33 0.87
N LYS A 404 10.11 -8.63 1.59
CA LYS A 404 9.55 -10.00 1.58
C LYS A 404 9.45 -10.44 0.10
N GLU A 405 9.08 -11.70 -0.10
CA GLU A 405 8.98 -12.32 -1.44
C GLU A 405 7.84 -11.68 -2.31
N LEU A 406 6.69 -11.40 -1.67
CA LEU A 406 5.48 -10.82 -2.33
C LEU A 406 4.82 -11.88 -3.22
N PRO A 407 3.68 -12.44 -2.80
CA PRO A 407 3.05 -13.57 -3.50
C PRO A 407 2.61 -13.33 -4.94
N GLY A 408 1.76 -12.34 -5.11
CA GLY A 408 1.18 -11.98 -6.42
C GLY A 408 2.29 -11.64 -7.40
N VAL A 409 3.17 -10.83 -6.86
CA VAL A 409 4.34 -10.30 -7.55
C VAL A 409 5.18 -11.43 -8.16
N ALA A 410 5.39 -12.45 -7.34
CA ALA A 410 6.19 -13.65 -7.71
C ALA A 410 5.63 -14.29 -8.99
N PHE A 411 4.31 -14.39 -9.03
CA PHE A 411 3.60 -14.99 -10.16
C PHE A 411 4.11 -14.33 -11.42
N LEU A 412 4.27 -13.02 -11.33
CA LEU A 412 4.82 -12.22 -12.43
C LEU A 412 6.31 -12.54 -12.59
N SER A 413 6.73 -12.53 -13.85
CA SER A 413 8.11 -12.86 -14.23
C SER A 413 8.65 -11.82 -15.21
N GLU A 414 7.95 -11.71 -16.33
CA GLU A 414 8.29 -10.80 -17.42
C GLU A 414 7.58 -11.21 -18.73
N LYS A 415 6.30 -11.59 -18.65
CA LYS A 415 5.57 -12.04 -19.86
C LYS A 415 6.26 -13.33 -20.35
N LYS A 416 5.51 -14.41 -20.57
CA LYS A 416 6.17 -15.63 -21.11
C LYS A 416 5.50 -17.01 -20.77
MG MG B . -3.25 3.31 10.31
PG ATP C . -0.60 2.94 9.87
O1G ATP C . -1.00 4.15 10.62
O2G ATP C . -1.56 2.72 8.77
O3G ATP C . -0.93 1.58 9.38
PB ATP C . 2.31 3.20 9.93
O1B ATP C . 2.56 2.16 10.95
O2B ATP C . 3.44 3.23 8.99
O3B ATP C . 0.92 3.12 9.27
PA ATP C . 1.92 4.95 12.11
O1A ATP C . 0.88 4.09 12.71
O2A ATP C . 3.16 4.88 12.92
O3A ATP C . 2.17 4.65 10.66
O5' ATP C . 1.41 6.43 12.06
C5' ATP C . 1.74 7.21 13.18
C4' ATP C . 0.77 6.99 14.29
O4' ATP C . 1.50 6.81 15.51
C3' ATP C . -0.11 8.21 14.48
O3' ATP C . -1.25 8.14 13.62
C2' ATP C . -0.38 8.15 15.97
O2' ATP C . -1.55 7.35 16.29
C1' ATP C . 0.90 7.50 16.53
N9 ATP C . 1.93 8.38 16.95
C8 ATP C . 3.20 8.29 16.50
N7 ATP C . 4.07 9.09 16.96
C5 ATP C . 3.35 9.79 17.79
C6 ATP C . 3.78 10.82 18.57
N6 ATP C . 5.03 11.29 18.63
N1 ATP C . 2.83 11.40 19.32
C2 ATP C . 1.55 10.92 19.25
N3 ATP C . 1.06 9.95 18.54
C4 ATP C . 2.03 9.41 17.82
C1 3PG D . -3.90 0.01 5.45
O1 3PG D . -5.16 -0.17 5.67
O2 3PG D . -3.13 0.39 6.41
C2 3PG D . -3.33 -0.24 4.06
O3 3PG D . -3.20 0.99 3.35
C3 3PG D . -4.24 -1.19 3.27
O1P 3PG D . -5.53 -0.59 3.03
P 3PG D . -6.52 -1.25 1.95
O2P 3PG D . -7.36 -2.27 2.59
O3P 3PG D . -5.72 -1.87 0.87
O4P 3PG D . -7.38 -0.20 1.36
#